data_7DD4
#
_entry.id   7DD4
#
_entity_poly.entity_id   1
_entity_poly.type   'polyribonucleotide'
_entity_poly.pdbx_seq_one_letter_code
;GGUCUCUCUUCGGGGAACCCACUGCGAAAGUAGUGU
;
_entity_poly.pdbx_strand_id   A
#